data_7JZI
#
_entry.id   7JZI
#
_cell.length_a   144.409
_cell.length_b   72.178
_cell.length_c   57.917
_cell.angle_alpha   90.000
_cell.angle_beta   91.080
_cell.angle_gamma   90.000
#
_symmetry.space_group_name_H-M   'C 1 2 1'
#
loop_
_entity.id
_entity.type
_entity.pdbx_description
1 polymer 'LAIR1 ectodomain from antibody MGD21'
2 polymer Rifin
3 non-polymer 'PLATINUM (II) ION'
4 water water
#
loop_
_entity_poly.entity_id
_entity_poly.type
_entity_poly.pdbx_seq_one_letter_code
_entity_poly.pdbx_strand_id
1 'polypeptide(L)'
;TDLPRPSISAEPGTVIPLGSHVTFVCRGPVGVQTFRLERERNYLYSDTEDVSQTSPSESEARFRIDSVNAGNAGLFRCIY
YKSRKWSEQSDYLELVVK
;
A,C
2 'polypeptide(L)'
;VTAKELAEKAGAAAGLKAGDIHGMKIVIEGLKALKVDTLKSGIFNSFVQNSHYTEVTGLAIAIDTEMNEVCSATYIGIHP
ICVVREKLGVIPKAGGTMVKQKDAITNVLKQALEKATQSAEALSETTAEDVAAKLTAQKTGAINT
;
B,D
#
loop_
_chem_comp.id
_chem_comp.type
_chem_comp.name
_chem_comp.formula
PT non-polymer 'PLATINUM (II) ION' 'Pt 2'
#
# COMPACT_ATOMS: atom_id res chain seq x y z
N THR A 1 14.44 1.38 15.56
CA THR A 1 14.18 0.27 14.60
C THR A 1 13.80 0.84 13.25
N ASP A 2 14.07 2.13 13.01
CA ASP A 2 13.79 2.65 11.64
C ASP A 2 14.71 1.89 10.70
N LEU A 3 14.18 1.40 9.57
CA LEU A 3 15.01 0.55 8.68
C LEU A 3 15.45 1.37 7.48
N PRO A 4 16.75 1.40 7.16
CA PRO A 4 17.23 2.19 6.04
C PRO A 4 16.75 1.73 4.67
N ARG A 5 16.60 2.66 3.74
CA ARG A 5 16.16 2.33 2.37
C ARG A 5 17.16 1.38 1.74
N PRO A 6 16.79 0.21 1.16
CA PRO A 6 17.78 -0.65 0.53
C PRO A 6 18.11 -0.13 -0.87
N SER A 7 18.96 -0.85 -1.57
CA SER A 7 19.31 -0.47 -2.93
C SER A 7 19.45 -1.70 -3.82
N ILE A 8 19.20 -1.48 -5.10
CA ILE A 8 19.31 -2.46 -6.18
C ILE A 8 20.46 -2.07 -7.09
N SER A 9 21.18 -3.06 -7.59
CA SER A 9 22.09 -2.86 -8.70
C SER A 9 22.06 -4.10 -9.58
N ALA A 10 22.56 -3.99 -10.81
CA ALA A 10 22.54 -5.11 -11.75
C ALA A 10 23.95 -5.40 -12.22
N GLU A 11 24.34 -6.67 -12.17
CA GLU A 11 25.66 -7.12 -12.53
C GLU A 11 25.57 -8.12 -13.67
N PRO A 12 26.33 -7.94 -14.77
CA PRO A 12 27.32 -6.87 -14.93
C PRO A 12 26.76 -5.52 -15.34
N GLY A 13 25.50 -5.45 -15.74
CA GLY A 13 25.03 -4.16 -16.23
C GLY A 13 23.52 -4.03 -16.29
N THR A 14 23.10 -2.79 -16.55
CA THR A 14 21.70 -2.45 -16.77
C THR A 14 21.18 -3.01 -18.09
N VAL A 15 22.05 -3.15 -19.09
CA VAL A 15 21.66 -3.57 -20.43
C VAL A 15 22.33 -4.91 -20.74
N ILE A 16 21.52 -5.91 -21.06
CA ILE A 16 22.03 -7.27 -21.26
C ILE A 16 21.59 -7.74 -22.65
N PRO A 17 22.46 -8.41 -23.41
CA PRO A 17 22.00 -9.02 -24.66
C PRO A 17 21.15 -10.24 -24.37
N LEU A 18 20.19 -10.50 -25.28
CA LEU A 18 19.35 -11.69 -25.13
C LEU A 18 20.23 -12.91 -24.97
N GLY A 19 19.82 -13.83 -24.10
CA GLY A 19 20.57 -15.05 -23.92
C GLY A 19 21.71 -14.99 -22.92
N SER A 20 22.14 -13.81 -22.50
CA SER A 20 23.16 -13.73 -21.46
C SER A 20 22.52 -13.73 -20.07
N HIS A 21 23.36 -13.92 -19.06
CA HIS A 21 22.97 -13.91 -17.65
C HIS A 21 23.01 -12.49 -17.08
N VAL A 22 22.22 -12.27 -16.02
CA VAL A 22 22.40 -11.06 -15.22
C VAL A 22 21.93 -11.34 -13.80
N THR A 23 22.45 -10.54 -12.87
CA THR A 23 22.26 -10.79 -11.45
C THR A 23 21.79 -9.50 -10.80
N PHE A 24 20.69 -9.55 -10.06
CA PHE A 24 20.21 -8.40 -9.30
C PHE A 24 20.73 -8.53 -7.87
N VAL A 25 21.33 -7.45 -7.37
CA VAL A 25 21.93 -7.40 -6.05
C VAL A 25 21.13 -6.44 -5.19
N CYS A 26 20.56 -6.96 -4.13
CA CYS A 26 19.81 -6.18 -3.14
C CYS A 26 20.72 -5.99 -1.93
N ARG A 27 20.97 -4.74 -1.53
CA ARG A 27 21.79 -4.46 -0.36
C ARG A 27 20.99 -3.65 0.65
N GLY A 28 21.22 -3.97 1.92
CA GLY A 28 20.55 -3.35 3.02
C GLY A 28 21.46 -3.39 4.23
N PRO A 29 20.89 -3.18 5.41
CA PRO A 29 21.67 -3.21 6.64
C PRO A 29 22.00 -4.63 7.06
N VAL A 30 22.79 -4.74 8.14
CA VAL A 30 23.07 -6.04 8.74
C VAL A 30 21.79 -6.66 9.30
N GLY A 31 21.71 -7.98 9.23
CA GLY A 31 20.69 -8.72 9.96
C GLY A 31 19.34 -8.81 9.29
N VAL A 32 19.20 -8.36 8.04
CA VAL A 32 17.96 -8.58 7.29
C VAL A 32 17.70 -10.07 7.20
N GLN A 33 16.46 -10.47 7.46
CA GLN A 33 16.11 -11.89 7.42
C GLN A 33 15.56 -12.34 6.07
N THR A 34 14.84 -11.47 5.35
CA THR A 34 14.38 -11.86 4.02
C THR A 34 14.60 -10.73 3.04
N PHE A 35 14.98 -11.07 1.81
CA PHE A 35 15.06 -10.10 0.73
C PHE A 35 14.03 -10.48 -0.34
N ARG A 36 13.44 -9.47 -0.96
CA ARG A 36 12.39 -9.66 -1.96
C ARG A 36 12.66 -8.76 -3.16
N LEU A 37 12.81 -9.40 -4.32
CA LEU A 37 12.94 -8.71 -5.60
C LEU A 37 11.56 -8.59 -6.26
N GLU A 38 11.22 -7.38 -6.70
CA GLU A 38 9.90 -7.04 -7.17
C GLU A 38 9.99 -6.39 -8.55
N ARG A 39 9.01 -6.65 -9.40
CA ARG A 39 8.91 -6.00 -10.70
C ARG A 39 7.93 -4.84 -10.59
N GLU A 40 7.58 -4.25 -11.75
CA GLU A 40 6.64 -3.14 -11.76
C GLU A 40 5.29 -3.54 -11.17
N ARG A 41 4.82 -4.72 -11.52
CA ARG A 41 3.60 -5.23 -10.91
C ARG A 41 3.97 -5.90 -9.59
N ASN A 42 3.46 -5.34 -8.49
CA ASN A 42 3.91 -5.70 -7.14
C ASN A 42 3.70 -7.17 -6.81
N TYR A 43 2.77 -7.81 -7.52
CA TYR A 43 2.42 -9.22 -7.20
C TYR A 43 3.43 -10.19 -7.80
N LEU A 44 4.35 -9.67 -8.60
CA LEU A 44 5.39 -10.56 -9.16
C LEU A 44 6.70 -10.38 -8.36
N TYR A 45 7.02 -11.34 -7.49
CA TYR A 45 8.20 -11.18 -6.63
C TYR A 45 8.94 -12.49 -6.30
N SER A 46 10.22 -12.39 -5.90
CA SER A 46 10.96 -13.55 -5.42
C SER A 46 11.51 -13.23 -4.04
N ASP A 47 11.28 -14.16 -3.10
CA ASP A 47 11.81 -14.08 -1.75
C ASP A 47 13.02 -14.99 -1.63
N THR A 48 14.02 -14.56 -0.86
CA THR A 48 15.14 -15.41 -0.50
C THR A 48 15.57 -15.11 0.92
N GLU A 49 16.02 -16.17 1.61
CA GLU A 49 16.48 -16.07 2.98
C GLU A 49 17.98 -16.25 3.13
N ASP A 50 18.70 -16.58 2.06
CA ASP A 50 20.15 -16.47 2.05
C ASP A 50 20.53 -14.99 1.92
N VAL A 51 21.08 -14.43 2.98
CA VAL A 51 21.71 -13.11 2.94
C VAL A 51 23.15 -13.29 3.40
N SER A 52 24.05 -12.56 2.76
CA SER A 52 25.47 -12.62 3.06
C SER A 52 25.92 -11.30 3.68
N GLN A 53 26.64 -11.38 4.80
CA GLN A 53 27.32 -10.22 5.36
C GLN A 53 28.43 -9.81 4.41
N THR A 54 28.21 -8.74 3.66
CA THR A 54 29.29 -8.05 2.95
C THR A 54 30.25 -7.35 3.90
N SER A 55 29.71 -6.62 4.89
CA SER A 55 30.42 -5.64 5.70
C SER A 55 29.92 -5.72 7.13
N PRO A 56 30.59 -5.10 8.12
CA PRO A 56 29.97 -5.01 9.45
C PRO A 56 28.71 -4.15 9.51
N SER A 57 28.38 -3.39 8.47
CA SER A 57 27.19 -2.55 8.46
C SER A 57 26.24 -2.83 7.30
N GLU A 58 26.57 -3.75 6.40
CA GLU A 58 25.76 -4.00 5.21
C GLU A 58 25.53 -5.51 5.05
N SER A 59 24.50 -5.87 4.28
CA SER A 59 24.23 -7.26 3.92
C SER A 59 23.54 -7.27 2.57
N GLU A 60 23.66 -8.39 1.85
CA GLU A 60 23.19 -8.40 0.47
C GLU A 60 22.65 -9.77 0.08
N ALA A 61 21.82 -9.77 -0.97
CA ALA A 61 21.23 -10.97 -1.54
C ALA A 61 21.30 -10.88 -3.06
N ARG A 62 21.33 -12.05 -3.70
CA ARG A 62 21.57 -12.12 -5.14
C ARG A 62 20.49 -12.94 -5.83
N PHE A 63 19.88 -12.37 -6.88
CA PHE A 63 18.91 -13.07 -7.72
C PHE A 63 19.45 -13.12 -9.14
N ARG A 64 19.81 -14.29 -9.62
CA ARG A 64 20.38 -14.39 -10.95
C ARG A 64 19.39 -15.04 -11.91
N ILE A 65 19.35 -14.56 -13.15
CA ILE A 65 18.76 -15.32 -14.25
C ILE A 65 19.89 -15.72 -15.20
N ASP A 66 19.95 -17.03 -15.51
CA ASP A 66 21.05 -17.56 -16.30
C ASP A 66 21.05 -17.12 -17.76
N SER A 67 19.88 -16.78 -18.34
CA SER A 67 19.81 -16.10 -19.63
C SER A 67 18.49 -15.36 -19.76
N VAL A 68 18.61 -14.11 -20.23
CA VAL A 68 17.48 -13.22 -20.38
C VAL A 68 16.70 -13.57 -21.65
N ASN A 69 15.43 -13.19 -21.66
CA ASN A 69 14.64 -13.00 -22.87
C ASN A 69 13.76 -11.77 -22.65
N ALA A 70 13.12 -11.32 -23.73
CA ALA A 70 12.39 -10.05 -23.73
C ALA A 70 11.30 -9.98 -22.68
N GLY A 71 10.88 -11.11 -22.10
CA GLY A 71 9.93 -11.06 -21.01
C GLY A 71 10.54 -10.67 -19.67
N ASN A 72 11.87 -10.74 -19.56
CA ASN A 72 12.54 -10.36 -18.32
C ASN A 72 12.72 -8.85 -18.17
N ALA A 73 12.71 -8.11 -19.28
CA ALA A 73 12.98 -6.68 -19.22
C ALA A 73 11.88 -5.94 -18.47
N GLY A 74 12.29 -4.92 -17.73
CA GLY A 74 11.33 -4.10 -17.01
C GLY A 74 11.97 -3.49 -15.77
N LEU A 75 11.11 -2.97 -14.89
CA LEU A 75 11.54 -2.32 -13.67
C LEU A 75 11.59 -3.31 -12.51
N PHE A 76 12.61 -3.16 -11.67
CA PHE A 76 12.95 -4.05 -10.58
C PHE A 76 13.37 -3.25 -9.34
N ARG A 77 12.98 -3.73 -8.17
CA ARG A 77 13.32 -3.04 -6.92
C ARG A 77 13.23 -4.01 -5.75
N CYS A 78 13.88 -3.67 -4.65
CA CYS A 78 13.98 -4.58 -3.53
C CYS A 78 13.21 -4.09 -2.32
N ILE A 79 12.88 -5.03 -1.45
CA ILE A 79 12.45 -4.75 -0.09
C ILE A 79 13.04 -5.84 0.78
N TYR A 80 13.21 -5.54 2.05
CA TYR A 80 13.75 -6.51 2.98
C TYR A 80 12.91 -6.51 4.23
N TYR A 81 12.94 -7.66 4.91
CA TYR A 81 12.21 -7.89 6.13
C TYR A 81 13.26 -8.17 7.19
N LYS A 82 13.32 -7.29 8.18
CA LYS A 82 14.21 -7.42 9.32
C LYS A 82 13.53 -6.91 10.58
N SER A 83 13.71 -7.64 11.67
CA SER A 83 13.31 -7.19 13.00
C SER A 83 11.83 -6.81 13.03
N ARG A 84 10.99 -7.80 12.70
CA ARG A 84 9.51 -7.70 12.82
C ARG A 84 8.80 -6.81 11.80
N LYS A 85 9.55 -6.06 10.99
CA LYS A 85 8.85 -5.11 10.09
C LYS A 85 9.40 -5.18 8.68
N TRP A 86 8.56 -4.91 7.68
CA TRP A 86 9.07 -4.84 6.30
C TRP A 86 9.69 -3.46 6.11
N SER A 87 10.66 -3.36 5.22
CA SER A 87 11.35 -2.10 5.02
C SER A 87 10.62 -1.28 3.96
N GLU A 88 11.14 -0.09 3.68
CA GLU A 88 10.69 0.70 2.55
C GLU A 88 11.28 0.09 1.28
N GLN A 89 10.66 0.38 0.14
CA GLN A 89 11.19 -0.18 -1.10
C GLN A 89 12.32 0.69 -1.63
N SER A 90 13.20 0.04 -2.41
CA SER A 90 14.30 0.76 -3.03
C SER A 90 13.82 1.47 -4.29
N ASP A 91 14.68 2.29 -4.86
CA ASP A 91 14.40 2.94 -6.13
C ASP A 91 14.34 1.90 -7.24
N TYR A 92 13.60 2.21 -8.29
CA TYR A 92 13.50 1.27 -9.39
C TYR A 92 14.78 1.26 -10.24
N LEU A 93 15.05 0.10 -10.81
CA LEU A 93 16.09 -0.12 -11.79
C LEU A 93 15.41 -0.69 -13.03
N GLU A 94 15.77 -0.21 -14.21
CA GLU A 94 15.21 -0.75 -15.45
C GLU A 94 16.25 -1.60 -16.14
N LEU A 95 15.99 -2.90 -16.30
CA LEU A 95 16.92 -3.66 -17.13
C LEU A 95 16.26 -3.92 -18.47
N VAL A 96 17.02 -3.65 -19.53
CA VAL A 96 16.60 -3.73 -20.92
C VAL A 96 17.42 -4.82 -21.61
N VAL A 97 16.77 -5.57 -22.49
CA VAL A 97 17.39 -6.67 -23.22
C VAL A 97 17.68 -6.23 -24.64
N LYS A 98 18.81 -6.70 -25.19
CA LYS A 98 19.22 -6.33 -26.54
C LYS A 98 19.34 -7.56 -27.43
N ALA B 7 -34.90 -48.85 6.21
CA ALA B 7 -35.28 -47.54 5.68
C ALA B 7 -34.34 -46.46 6.18
N GLU B 8 -33.96 -46.56 7.45
CA GLU B 8 -33.00 -45.63 8.04
C GLU B 8 -31.66 -45.66 7.32
N LYS B 9 -31.15 -46.86 7.02
CA LYS B 9 -29.87 -46.98 6.34
C LYS B 9 -29.87 -46.23 5.02
N ALA B 10 -30.88 -46.49 4.17
CA ALA B 10 -30.95 -45.84 2.87
C ALA B 10 -31.06 -44.33 3.00
N GLY B 11 -31.77 -43.85 4.04
CA GLY B 11 -31.86 -42.42 4.24
C GLY B 11 -30.53 -41.80 4.63
N ALA B 12 -29.77 -42.49 5.49
CA ALA B 12 -28.46 -41.98 5.88
C ALA B 12 -27.50 -41.99 4.69
N ALA B 13 -27.58 -43.01 3.84
CA ALA B 13 -26.71 -43.07 2.67
C ALA B 13 -27.05 -41.98 1.65
N ALA B 14 -28.35 -41.80 1.38
CA ALA B 14 -28.76 -40.75 0.45
C ALA B 14 -28.39 -39.37 0.99
N GLY B 15 -28.49 -39.18 2.31
CA GLY B 15 -28.10 -37.91 2.89
C GLY B 15 -26.61 -37.66 2.79
N LEU B 16 -25.80 -38.71 2.99
CA LEU B 16 -24.35 -38.57 2.84
C LEU B 16 -23.98 -38.22 1.40
N LYS B 17 -24.65 -38.84 0.43
CA LYS B 17 -24.38 -38.55 -0.98
C LYS B 17 -24.76 -37.11 -1.32
N ALA B 18 -25.96 -36.69 -0.94
CA ALA B 18 -26.40 -35.32 -1.19
C ALA B 18 -25.48 -34.30 -0.52
N GLY B 19 -25.05 -34.59 0.71
CA GLY B 19 -24.19 -33.65 1.41
C GLY B 19 -22.81 -33.56 0.81
N ASP B 20 -22.28 -34.66 0.28
CA ASP B 20 -20.99 -34.59 -0.40
C ASP B 20 -21.09 -33.74 -1.66
N ILE B 21 -22.04 -34.08 -2.53
CA ILE B 21 -22.16 -33.35 -3.79
C ILE B 21 -22.44 -31.88 -3.56
N HIS B 22 -23.25 -31.53 -2.57
CA HIS B 22 -23.50 -30.12 -2.37
C HIS B 22 -22.35 -29.44 -1.63
N GLY B 23 -21.69 -30.10 -0.67
CA GLY B 23 -20.57 -29.46 0.00
C GLY B 23 -19.44 -29.10 -0.94
N MET B 24 -19.26 -29.85 -2.03
CA MET B 24 -18.18 -29.49 -2.95
C MET B 24 -18.44 -28.23 -3.80
N LYS B 25 -19.69 -27.93 -4.18
CA LYS B 25 -19.94 -26.82 -5.11
C LYS B 25 -19.50 -25.46 -4.54
N ILE B 26 -19.91 -25.13 -3.31
CA ILE B 26 -19.47 -23.87 -2.73
C ILE B 26 -17.94 -23.76 -2.72
N VAL B 27 -17.25 -24.87 -2.44
CA VAL B 27 -15.80 -24.71 -2.42
C VAL B 27 -15.19 -24.69 -3.82
N ILE B 28 -15.87 -25.23 -4.85
CA ILE B 28 -15.36 -24.95 -6.19
C ILE B 28 -15.49 -23.47 -6.51
N GLU B 29 -16.57 -22.84 -6.04
CA GLU B 29 -16.65 -21.38 -6.10
C GLU B 29 -15.42 -20.77 -5.43
N GLY B 30 -15.04 -21.33 -4.28
CA GLY B 30 -13.86 -20.84 -3.57
C GLY B 30 -12.57 -20.96 -4.38
N LEU B 31 -12.40 -22.09 -5.09
CA LEU B 31 -11.15 -22.32 -5.81
C LEU B 31 -11.08 -21.49 -7.09
N LYS B 32 -12.21 -21.30 -7.76
CA LYS B 32 -12.17 -20.44 -8.93
C LYS B 32 -12.20 -18.95 -8.58
N ALA B 33 -12.50 -18.60 -7.32
CA ALA B 33 -12.21 -17.24 -6.85
C ALA B 33 -10.72 -16.96 -6.71
N LEU B 34 -9.92 -17.95 -6.32
CA LEU B 34 -8.46 -17.88 -6.26
C LEU B 34 -7.79 -18.08 -7.62
N LYS B 35 -8.60 -18.38 -8.65
CA LYS B 35 -8.16 -18.81 -9.99
C LYS B 35 -7.30 -20.07 -9.96
N VAL B 36 -7.62 -21.02 -9.10
CA VAL B 36 -7.00 -22.32 -9.24
C VAL B 36 -7.28 -22.88 -10.64
N ASP B 37 -8.31 -22.36 -11.32
CA ASP B 37 -8.56 -22.50 -12.77
C ASP B 37 -7.38 -22.27 -13.73
N THR B 38 -6.50 -21.31 -13.46
CA THR B 38 -5.55 -21.02 -14.52
C THR B 38 -4.28 -21.86 -14.46
N LEU B 39 -4.04 -22.57 -13.35
CA LEU B 39 -2.82 -23.37 -13.24
C LEU B 39 -2.80 -24.51 -14.25
N LYS B 40 -1.70 -24.60 -15.02
CA LYS B 40 -1.52 -25.61 -16.06
C LYS B 40 -0.99 -26.94 -15.54
N SER B 41 -0.68 -27.03 -14.25
CA SER B 41 -0.52 -28.35 -13.62
C SER B 41 -1.78 -29.19 -13.77
N GLY B 42 -2.95 -28.57 -13.63
CA GLY B 42 -4.20 -29.29 -13.68
C GLY B 42 -4.74 -29.71 -12.33
N ILE B 43 -4.25 -29.13 -11.24
CA ILE B 43 -4.69 -29.53 -9.91
C ILE B 43 -6.19 -29.32 -9.75
N PHE B 44 -6.71 -28.22 -10.30
CA PHE B 44 -8.12 -27.91 -10.15
C PHE B 44 -8.98 -28.99 -10.77
N ASN B 45 -8.75 -29.26 -12.05
CA ASN B 45 -9.58 -30.25 -12.74
C ASN B 45 -9.45 -31.56 -11.97
N SER B 46 -8.26 -31.85 -11.48
CA SER B 46 -8.08 -33.15 -10.80
C SER B 46 -8.98 -33.21 -9.58
N PHE B 47 -9.02 -32.12 -8.81
CA PHE B 47 -9.80 -32.17 -7.55
C PHE B 47 -11.27 -32.37 -7.92
N VAL B 48 -11.72 -31.67 -8.94
CA VAL B 48 -13.17 -31.76 -9.26
C VAL B 48 -13.50 -33.19 -9.70
N GLN B 49 -12.63 -33.84 -10.48
CA GLN B 49 -12.86 -35.25 -10.89
C GLN B 49 -12.80 -36.21 -9.71
N ASN B 50 -11.90 -36.01 -8.75
CA ASN B 50 -11.74 -37.02 -7.67
C ASN B 50 -12.62 -36.76 -6.43
N SER B 51 -13.37 -35.66 -6.36
CA SER B 51 -14.34 -35.39 -5.24
C SER B 51 -13.62 -35.15 -3.91
N HIS B 52 -14.02 -35.82 -2.81
CA HIS B 52 -13.30 -35.73 -1.53
C HIS B 52 -13.03 -34.28 -1.12
N TYR B 53 -14.12 -33.50 -1.06
CA TYR B 53 -14.02 -32.05 -0.91
C TYR B 53 -13.20 -31.61 0.31
N THR B 54 -13.33 -32.31 1.45
CA THR B 54 -12.64 -31.84 2.65
C THR B 54 -11.15 -32.12 2.61
N GLU B 55 -10.60 -32.58 1.49
CA GLU B 55 -9.16 -32.54 1.28
C GLU B 55 -8.69 -31.17 0.76
N VAL B 56 -9.51 -30.13 0.83
CA VAL B 56 -9.14 -28.86 0.20
C VAL B 56 -7.88 -28.25 0.82
N THR B 57 -7.65 -28.43 2.11
CA THR B 57 -6.42 -27.87 2.68
C THR B 57 -5.21 -28.56 2.07
N GLY B 58 -5.37 -29.79 1.59
CA GLY B 58 -4.32 -30.41 0.80
C GLY B 58 -4.01 -29.60 -0.44
N LEU B 59 -5.05 -29.22 -1.16
CA LEU B 59 -4.89 -28.43 -2.36
C LEU B 59 -4.07 -27.19 -2.03
N ALA B 60 -4.12 -26.76 -0.76
CA ALA B 60 -3.49 -25.52 -0.35
C ALA B 60 -2.00 -25.53 -0.65
N ILE B 61 -1.30 -26.58 -0.21
CA ILE B 61 0.16 -26.50 -0.21
C ILE B 61 0.69 -26.46 -1.65
N ALA B 62 0.09 -27.27 -2.53
CA ALA B 62 0.47 -27.22 -3.94
C ALA B 62 0.21 -25.84 -4.52
N ILE B 63 -0.94 -25.24 -4.18
CA ILE B 63 -1.26 -23.90 -4.66
C ILE B 63 -0.13 -22.94 -4.32
N ASP B 64 0.47 -23.09 -3.14
CA ASP B 64 1.56 -22.21 -2.80
C ASP B 64 2.76 -22.48 -3.71
N THR B 65 3.19 -23.75 -3.79
CA THR B 65 4.38 -24.06 -4.57
C THR B 65 4.22 -23.54 -5.99
N GLU B 66 3.13 -23.94 -6.66
CA GLU B 66 2.95 -23.51 -8.03
C GLU B 66 2.92 -22.00 -8.12
N MET B 67 2.17 -21.34 -7.22
CA MET B 67 2.06 -19.89 -7.34
C MET B 67 3.43 -19.24 -7.21
N ASN B 68 4.23 -19.76 -6.29
CA ASN B 68 5.59 -19.22 -6.08
C ASN B 68 6.33 -19.32 -7.41
N GLU B 69 6.30 -20.48 -8.09
CA GLU B 69 7.04 -20.62 -9.33
C GLU B 69 6.52 -19.70 -10.41
N VAL B 70 5.21 -19.52 -10.50
CA VAL B 70 4.67 -18.85 -11.68
C VAL B 70 4.53 -17.35 -11.48
N CYS B 71 4.78 -16.89 -10.26
CA CYS B 71 4.56 -15.46 -9.97
C CYS B 71 5.90 -14.84 -9.57
N SER B 72 7.00 -15.59 -9.71
CA SER B 72 8.30 -15.12 -9.30
C SER B 72 8.74 -13.95 -10.17
N ALA B 73 9.72 -13.19 -9.67
CA ALA B 73 10.29 -12.11 -10.45
C ALA B 73 11.09 -12.63 -11.63
N THR B 74 11.44 -13.90 -11.58
CA THR B 74 12.22 -14.63 -12.58
C THR B 74 11.38 -15.07 -13.78
N TYR B 75 10.09 -15.28 -13.57
CA TYR B 75 9.25 -16.00 -14.53
C TYR B 75 9.16 -15.30 -15.88
N ILE B 76 9.06 -16.10 -16.94
CA ILE B 76 8.99 -15.60 -18.31
C ILE B 76 7.52 -15.51 -18.68
N GLY B 77 7.01 -14.28 -18.78
CA GLY B 77 5.63 -14.05 -19.14
C GLY B 77 4.75 -13.78 -17.92
N ILE B 78 3.55 -13.29 -18.20
CA ILE B 78 2.59 -12.94 -17.16
C ILE B 78 1.55 -14.04 -17.09
N HIS B 79 1.10 -14.36 -15.87
CA HIS B 79 0.17 -15.43 -15.61
C HIS B 79 -1.01 -14.91 -14.78
N PRO B 80 -2.23 -15.29 -15.13
CA PRO B 80 -3.41 -14.66 -14.50
C PRO B 80 -3.47 -14.78 -12.99
N ILE B 81 -2.99 -15.88 -12.40
CA ILE B 81 -3.16 -16.14 -10.93
C ILE B 81 -2.47 -15.10 -10.08
N CYS B 82 -1.43 -14.48 -10.60
CA CYS B 82 -0.60 -13.60 -9.75
C CYS B 82 -1.43 -12.50 -9.10
N VAL B 83 -2.46 -11.98 -9.75
CA VAL B 83 -3.23 -10.81 -9.20
C VAL B 83 -3.88 -11.21 -7.88
N VAL B 84 -4.21 -12.47 -7.67
CA VAL B 84 -4.96 -12.88 -6.45
C VAL B 84 -4.12 -12.61 -5.19
N ARG B 85 -2.82 -12.46 -5.34
CA ARG B 85 -1.94 -12.28 -4.16
C ARG B 85 -2.39 -11.04 -3.38
N GLU B 86 -2.81 -9.99 -4.08
CA GLU B 86 -3.16 -8.72 -3.37
C GLU B 86 -4.31 -9.01 -2.41
N LYS B 87 -5.27 -9.81 -2.83
CA LYS B 87 -6.41 -10.18 -1.95
C LYS B 87 -5.88 -10.98 -0.78
N LEU B 88 -4.89 -11.83 -1.01
CA LEU B 88 -4.35 -12.69 0.07
C LEU B 88 -3.71 -11.82 1.14
N GLY B 89 -3.18 -10.65 0.75
CA GLY B 89 -2.63 -9.73 1.76
C GLY B 89 -1.12 -9.87 1.88
N VAL B 90 -0.51 -10.62 0.97
CA VAL B 90 0.95 -10.88 1.03
C VAL B 90 1.71 -9.72 0.41
N ILE B 91 1.02 -8.71 -0.11
CA ILE B 91 1.74 -7.52 -0.61
C ILE B 91 1.96 -6.61 0.60
N PRO B 92 3.21 -6.25 1.00
CA PRO B 92 3.43 -5.54 2.26
C PRO B 92 3.53 -4.04 2.12
N LYS B 93 2.80 -3.34 2.99
CA LYS B 93 3.05 -1.94 3.25
C LYS B 93 4.31 -1.82 4.10
N ALA B 94 5.03 -0.71 3.93
CA ALA B 94 6.23 -0.51 4.73
C ALA B 94 5.89 -0.55 6.21
N GLY B 95 6.70 -1.25 6.98
CA GLY B 95 6.48 -1.36 8.41
C GLY B 95 5.52 -2.44 8.83
N GLY B 96 4.89 -3.14 7.87
CA GLY B 96 3.96 -4.19 8.18
C GLY B 96 4.60 -5.53 8.55
N THR B 97 3.77 -6.38 9.15
CA THR B 97 4.14 -7.75 9.46
C THR B 97 4.39 -8.54 8.17
N MET B 98 5.22 -9.58 8.26
CA MET B 98 5.19 -10.54 7.18
C MET B 98 3.97 -11.42 7.33
N VAL B 99 3.41 -11.82 6.20
CA VAL B 99 2.24 -12.69 6.17
C VAL B 99 2.55 -13.79 5.15
N LYS B 100 2.62 -15.03 5.62
CA LYS B 100 3.04 -16.11 4.74
C LYS B 100 1.94 -16.48 3.76
N GLN B 101 2.32 -16.69 2.50
CA GLN B 101 1.29 -16.98 1.46
C GLN B 101 0.57 -18.27 1.84
N LYS B 102 1.31 -19.32 2.16
CA LYS B 102 0.65 -20.60 2.44
C LYS B 102 -0.37 -20.44 3.56
N ASP B 103 -0.07 -19.60 4.55
CA ASP B 103 -1.02 -19.39 5.63
C ASP B 103 -2.27 -18.68 5.13
N ALA B 104 -2.10 -17.69 4.26
CA ALA B 104 -3.26 -16.99 3.70
C ALA B 104 -4.10 -17.92 2.83
N ILE B 105 -3.45 -18.79 2.06
CA ILE B 105 -4.19 -19.74 1.23
C ILE B 105 -4.96 -20.70 2.11
N THR B 106 -4.35 -21.19 3.18
CA THR B 106 -5.03 -22.09 4.09
C THR B 106 -6.19 -21.40 4.82
N ASN B 107 -6.07 -20.10 5.12
CA ASN B 107 -7.20 -19.42 5.75
C ASN B 107 -8.35 -19.22 4.77
N VAL B 108 -8.03 -18.92 3.49
CA VAL B 108 -9.06 -18.87 2.46
C VAL B 108 -9.80 -20.21 2.39
N LEU B 109 -9.07 -21.30 2.25
CA LEU B 109 -9.77 -22.57 2.07
C LEU B 109 -10.24 -23.21 3.36
N LYS B 110 -9.83 -22.71 4.52
CA LYS B 110 -10.48 -23.13 5.75
C LYS B 110 -11.83 -22.45 5.88
N GLN B 111 -11.90 -21.17 5.49
CA GLN B 111 -13.19 -20.52 5.35
C GLN B 111 -14.08 -21.28 4.38
N ALA B 112 -13.51 -21.70 3.24
CA ALA B 112 -14.26 -22.51 2.28
C ALA B 112 -14.71 -23.85 2.86
N LEU B 113 -13.85 -24.48 3.69
CA LEU B 113 -14.16 -25.82 4.16
C LEU B 113 -15.18 -25.83 5.29
N GLU B 114 -15.17 -24.82 6.14
CA GLU B 114 -16.18 -24.79 7.19
C GLU B 114 -17.50 -24.24 6.66
N LYS B 115 -17.43 -23.34 5.66
CA LYS B 115 -18.55 -23.09 4.76
C LYS B 115 -19.18 -24.39 4.30
N ALA B 116 -18.36 -25.28 3.72
CA ALA B 116 -18.88 -26.50 3.13
C ALA B 116 -19.44 -27.46 4.16
N THR B 117 -18.75 -27.62 5.29
CA THR B 117 -19.24 -28.56 6.31
C THR B 117 -20.55 -28.10 6.91
N GLN B 118 -20.69 -26.81 7.24
CA GLN B 118 -21.97 -26.51 7.87
C GLN B 118 -23.05 -26.38 6.81
N SER B 119 -22.69 -26.21 5.54
CA SER B 119 -23.76 -26.27 4.56
C SER B 119 -24.18 -27.71 4.31
N ALA B 120 -23.24 -28.65 4.36
CA ALA B 120 -23.57 -30.06 4.17
C ALA B 120 -24.29 -30.64 5.37
N GLU B 121 -24.11 -30.05 6.55
CA GLU B 121 -24.79 -30.61 7.72
C GLU B 121 -26.30 -30.43 7.61
N ALA B 122 -26.74 -29.31 7.02
CA ALA B 122 -28.18 -29.06 6.84
C ALA B 122 -28.80 -30.02 5.83
N LEU B 123 -28.15 -30.25 4.70
CA LEU B 123 -28.77 -31.15 3.74
C LEU B 123 -28.54 -32.63 4.08
N SER B 124 -27.65 -32.94 5.02
CA SER B 124 -27.62 -34.29 5.57
C SER B 124 -28.91 -34.56 6.33
N GLU B 125 -29.39 -33.56 7.10
CA GLU B 125 -30.55 -33.81 7.97
C GLU B 125 -31.84 -33.59 7.20
N THR B 126 -31.81 -32.66 6.23
CA THR B 126 -32.98 -32.32 5.41
C THR B 126 -33.59 -33.53 4.70
N THR B 127 -32.78 -34.36 4.05
CA THR B 127 -33.32 -35.48 3.29
C THR B 127 -34.14 -36.42 4.16
N ALA B 128 -33.59 -36.84 5.30
CA ALA B 128 -34.29 -37.75 6.20
C ALA B 128 -35.53 -37.12 6.83
N THR C 1 -19.33 -2.49 -11.38
CA THR C 1 -18.67 -3.66 -11.96
C THR C 1 -17.13 -3.60 -12.03
N ASP C 2 -16.64 -3.36 -13.25
CA ASP C 2 -15.27 -3.60 -13.64
C ASP C 2 -14.60 -2.24 -13.73
N LEU C 3 -13.31 -2.14 -13.39
CA LEU C 3 -12.59 -0.94 -13.80
C LEU C 3 -11.39 -1.33 -14.65
N PRO C 4 -11.34 -0.91 -15.91
CA PRO C 4 -10.20 -1.24 -16.76
C PRO C 4 -9.01 -0.39 -16.38
N ARG C 5 -7.83 -0.90 -16.70
CA ARG C 5 -6.60 -0.18 -16.37
C ARG C 5 -6.53 1.11 -17.17
N PRO C 6 -6.13 2.22 -16.55
CA PRO C 6 -6.01 3.48 -17.28
C PRO C 6 -4.68 3.49 -18.01
N SER C 7 -4.40 4.58 -18.71
CA SER C 7 -3.15 4.69 -19.43
C SER C 7 -2.60 6.09 -19.29
N ILE C 8 -1.27 6.17 -19.36
CA ILE C 8 -0.50 7.40 -19.25
C ILE C 8 0.18 7.66 -20.58
N SER C 9 0.20 8.91 -21.00
CA SER C 9 1.05 9.30 -22.11
C SER C 9 1.57 10.72 -21.86
N ALA C 10 2.60 11.09 -22.61
CA ALA C 10 3.28 12.37 -22.43
C ALA C 10 3.24 13.15 -23.74
N GLU C 11 2.74 14.37 -23.62
CA GLU C 11 2.64 15.25 -24.80
C GLU C 11 3.63 16.42 -24.61
N PRO C 12 4.55 16.75 -25.57
CA PRO C 12 4.67 15.96 -26.80
C PRO C 12 5.54 14.71 -26.70
N GLY C 13 6.32 14.54 -25.62
CA GLY C 13 7.19 13.38 -25.60
C GLY C 13 7.72 13.03 -24.23
N THR C 14 8.30 11.82 -24.15
CA THR C 14 8.93 11.33 -22.93
C THR C 14 10.23 12.05 -22.61
N VAL C 15 10.91 12.57 -23.62
CA VAL C 15 12.22 13.21 -23.43
C VAL C 15 12.05 14.69 -23.73
N ILE C 16 12.28 15.52 -22.71
CA ILE C 16 12.00 16.94 -22.81
C ILE C 16 13.27 17.73 -22.43
N PRO C 17 13.59 18.80 -23.15
CA PRO C 17 14.69 19.66 -22.72
C PRO C 17 14.30 20.51 -21.51
N LEU C 18 15.31 20.85 -20.72
CA LEU C 18 15.12 21.71 -19.57
C LEU C 18 14.37 22.98 -19.98
N GLY C 19 13.46 23.45 -19.11
CA GLY C 19 12.75 24.69 -19.34
C GLY C 19 11.49 24.61 -20.19
N SER C 20 11.28 23.53 -20.94
CA SER C 20 10.10 23.40 -21.78
C SER C 20 8.89 22.91 -20.97
N HIS C 21 7.74 22.90 -21.64
CA HIS C 21 6.51 22.37 -21.07
C HIS C 21 6.41 20.87 -21.30
N VAL C 22 5.61 20.19 -20.49
CA VAL C 22 5.15 18.85 -20.87
C VAL C 22 3.82 18.61 -20.17
N THR C 23 3.00 17.75 -20.77
CA THR C 23 1.67 17.45 -20.25
C THR C 23 1.51 15.95 -20.15
N PHE C 24 1.10 15.49 -18.98
CA PHE C 24 0.84 14.06 -18.80
C PHE C 24 -0.65 13.87 -19.04
N VAL C 25 -1.01 12.89 -19.87
CA VAL C 25 -2.45 12.69 -20.20
C VAL C 25 -2.92 11.33 -19.70
N CYS C 26 -3.83 11.35 -18.73
CA CYS C 26 -4.36 10.12 -18.15
C CYS C 26 -5.69 9.81 -18.79
N ARG C 27 -5.81 8.64 -19.39
CA ARG C 27 -7.08 8.26 -19.99
C ARG C 27 -7.59 6.97 -19.38
N GLY C 28 -8.93 6.90 -19.24
CA GLY C 28 -9.62 5.77 -18.68
C GLY C 28 -11.02 5.66 -19.27
N PRO C 29 -11.89 4.92 -18.58
CA PRO C 29 -13.26 4.75 -19.07
C PRO C 29 -14.08 6.01 -18.85
N VAL C 30 -15.29 5.99 -19.40
CA VAL C 30 -16.23 7.09 -19.20
C VAL C 30 -16.64 7.19 -17.73
N GLY C 31 -16.89 8.42 -17.28
CA GLY C 31 -17.46 8.61 -15.96
C GLY C 31 -16.48 8.62 -14.82
N VAL C 32 -15.18 8.71 -15.12
CA VAL C 32 -14.17 8.86 -14.07
C VAL C 32 -14.49 10.07 -13.20
N GLN C 33 -14.51 9.86 -11.88
CA GLN C 33 -14.78 11.00 -11.02
C GLN C 33 -13.51 11.73 -10.61
N THR C 34 -12.41 11.01 -10.36
CA THR C 34 -11.14 11.68 -10.05
C THR C 34 -9.99 11.01 -10.78
N PHE C 35 -9.00 11.81 -11.19
CA PHE C 35 -7.77 11.28 -11.75
C PHE C 35 -6.60 11.70 -10.86
N ARG C 36 -5.61 10.82 -10.75
CA ARG C 36 -4.45 11.06 -9.90
C ARG C 36 -3.19 10.71 -10.68
N LEU C 37 -2.31 11.69 -10.83
CA LEU C 37 -0.99 11.48 -11.40
C LEU C 37 -0.03 11.24 -10.25
N GLU C 38 0.70 10.13 -10.29
CA GLU C 38 1.50 9.69 -9.18
C GLU C 38 2.90 9.39 -9.68
N ARG C 39 3.91 9.68 -8.83
CA ARG C 39 5.31 9.48 -9.15
C ARG C 39 5.82 8.17 -8.54
N GLU C 40 7.15 8.01 -8.51
CA GLU C 40 7.74 6.76 -8.06
C GLU C 40 7.41 6.41 -6.61
N ARG C 41 7.53 7.37 -5.69
CA ARG C 41 7.11 7.18 -4.32
C ARG C 41 5.67 7.61 -4.24
N ASN C 42 4.82 6.72 -3.78
CA ASN C 42 3.39 6.88 -3.91
C ASN C 42 2.86 8.16 -3.26
N TYR C 43 3.55 8.72 -2.26
CA TYR C 43 2.97 9.87 -1.56
C TYR C 43 3.06 11.18 -2.33
N LEU C 44 3.75 11.21 -3.47
CA LEU C 44 3.77 12.40 -4.31
C LEU C 44 2.87 12.21 -5.52
N TYR C 45 1.73 12.91 -5.51
CA TYR C 45 0.71 12.78 -6.54
C TYR C 45 -0.09 14.08 -6.61
N SER C 46 -0.82 14.23 -7.71
CA SER C 46 -1.76 15.34 -7.89
C SER C 46 -3.11 14.78 -8.31
N ASP C 47 -4.16 15.24 -7.63
CA ASP C 47 -5.53 14.87 -7.94
C ASP C 47 -6.19 15.97 -8.77
N THR C 48 -7.05 15.56 -9.69
CA THR C 48 -7.86 16.51 -10.44
C THR C 48 -9.26 15.93 -10.66
N GLU C 49 -10.23 16.83 -10.65
CA GLU C 49 -11.62 16.49 -10.91
C GLU C 49 -12.08 17.00 -12.26
N ASP C 50 -11.17 17.61 -13.02
CA ASP C 50 -11.37 17.85 -14.44
C ASP C 50 -11.36 16.52 -15.16
N VAL C 51 -12.52 16.04 -15.54
CA VAL C 51 -12.59 14.94 -16.49
C VAL C 51 -13.40 15.43 -17.68
N SER C 52 -12.87 15.18 -18.87
CA SER C 52 -13.52 15.55 -20.12
C SER C 52 -13.87 14.27 -20.85
N GLN C 53 -15.11 14.17 -21.33
CA GLN C 53 -15.49 13.10 -22.23
C GLN C 53 -14.78 13.31 -23.57
N THR C 54 -13.76 12.50 -23.79
CA THR C 54 -13.17 12.35 -25.12
C THR C 54 -14.14 11.67 -26.07
N SER C 55 -14.70 10.52 -25.65
CA SER C 55 -15.38 9.54 -26.49
C SER C 55 -16.58 8.97 -25.75
N PRO C 56 -17.46 8.22 -26.41
CA PRO C 56 -18.46 7.43 -25.67
C PRO C 56 -17.83 6.29 -24.86
N SER C 57 -16.54 6.00 -25.02
CA SER C 57 -15.86 4.92 -24.31
C SER C 57 -14.64 5.37 -23.49
N GLU C 58 -14.32 6.67 -23.52
CA GLU C 58 -13.09 7.28 -23.03
C GLU C 58 -13.39 8.46 -22.13
N SER C 59 -12.43 8.78 -21.27
CA SER C 59 -12.38 10.00 -20.47
C SER C 59 -10.90 10.30 -20.19
N GLU C 60 -10.56 11.57 -20.08
CA GLU C 60 -9.13 11.92 -19.97
C GLU C 60 -8.91 13.10 -19.03
N ALA C 61 -7.71 13.19 -18.48
CA ALA C 61 -7.37 14.34 -17.63
C ALA C 61 -5.95 14.75 -17.99
N ARG C 62 -5.65 16.04 -17.87
CA ARG C 62 -4.31 16.51 -18.28
C ARG C 62 -3.61 17.19 -17.11
N PHE C 63 -2.41 16.73 -16.78
CA PHE C 63 -1.63 17.36 -15.69
C PHE C 63 -0.41 17.95 -16.39
N ARG C 64 -0.13 19.24 -16.19
CA ARG C 64 0.97 19.83 -16.98
C ARG C 64 1.91 20.71 -16.18
N ILE C 65 3.17 20.77 -16.62
CA ILE C 65 4.14 21.71 -16.05
C ILE C 65 4.64 22.59 -17.18
N ASP C 66 4.56 23.90 -16.97
CA ASP C 66 4.94 24.87 -17.98
C ASP C 66 6.45 24.92 -18.22
N SER C 67 7.28 24.48 -17.27
CA SER C 67 8.73 24.45 -17.52
C SER C 67 9.41 23.39 -16.66
N VAL C 68 10.35 22.67 -17.29
CA VAL C 68 11.02 21.50 -16.69
C VAL C 68 12.02 21.93 -15.61
N ASN C 69 12.27 20.98 -14.71
CA ASN C 69 13.49 20.94 -13.91
C ASN C 69 13.95 19.51 -13.73
N ALA C 70 15.22 19.35 -13.34
CA ALA C 70 15.82 18.02 -13.22
C ALA C 70 15.17 17.19 -12.12
N GLY C 71 14.45 17.83 -11.20
CA GLY C 71 13.72 17.13 -10.17
C GLY C 71 12.41 16.52 -10.64
N ASN C 72 11.91 16.95 -11.81
CA ASN C 72 10.68 16.39 -12.35
C ASN C 72 10.89 15.04 -13.02
N ALA C 73 12.12 14.76 -13.48
CA ALA C 73 12.36 13.53 -14.21
C ALA C 73 12.14 12.34 -13.28
N GLY C 74 11.59 11.26 -13.85
CA GLY C 74 11.33 10.07 -13.06
C GLY C 74 10.13 9.33 -13.62
N LEU C 75 9.58 8.45 -12.79
CA LEU C 75 8.46 7.61 -13.19
C LEU C 75 7.14 8.31 -12.85
N PHE C 76 6.16 8.14 -13.74
CA PHE C 76 4.84 8.75 -13.65
C PHE C 76 3.80 7.73 -14.10
N ARG C 77 2.67 7.71 -13.40
CA ARG C 77 1.61 6.76 -13.72
C ARG C 77 0.30 7.28 -13.16
N CYS C 78 -0.82 6.77 -13.69
CA CYS C 78 -2.11 7.30 -13.30
C CYS C 78 -2.91 6.29 -12.49
N ILE C 79 -3.86 6.82 -11.73
CA ILE C 79 -4.93 6.03 -11.12
C ILE C 79 -6.20 6.87 -11.24
N TYR C 80 -7.34 6.20 -11.27
CA TYR C 80 -8.60 6.93 -11.32
C TYR C 80 -9.61 6.33 -10.35
N TYR C 81 -10.54 7.18 -9.94
CA TYR C 81 -11.58 6.86 -8.96
C TYR C 81 -12.92 7.01 -9.67
N LYS C 82 -13.64 5.90 -9.82
CA LYS C 82 -14.96 5.90 -10.41
C LYS C 82 -15.78 4.83 -9.72
N SER C 83 -17.05 5.11 -9.45
CA SER C 83 -18.00 4.08 -9.02
C SER C 83 -17.51 3.36 -7.77
N ARG C 84 -17.37 4.11 -6.68
CA ARG C 84 -17.14 3.54 -5.35
C ARG C 84 -15.67 3.27 -5.03
N LYS C 85 -14.82 3.11 -6.04
CA LYS C 85 -13.56 2.44 -5.80
C LYS C 85 -12.45 3.03 -6.66
N TRP C 86 -11.22 2.97 -6.13
CA TRP C 86 -10.04 3.30 -6.91
C TRP C 86 -9.74 2.19 -7.90
N SER C 87 -9.13 2.56 -9.02
CA SER C 87 -8.80 1.63 -10.08
C SER C 87 -7.42 1.01 -9.85
N GLU C 88 -7.05 0.11 -10.74
CA GLU C 88 -5.68 -0.35 -10.78
C GLU C 88 -4.83 0.75 -11.39
N GLN C 89 -3.53 0.76 -11.08
CA GLN C 89 -2.70 1.81 -11.64
C GLN C 89 -2.22 1.42 -13.02
N SER C 90 -1.90 2.43 -13.82
CA SER C 90 -1.42 2.18 -15.18
C SER C 90 0.04 1.78 -15.15
N ASP C 91 0.56 1.42 -16.33
CA ASP C 91 1.98 1.15 -16.44
C ASP C 91 2.79 2.42 -16.20
N TYR C 92 4.03 2.25 -15.73
CA TYR C 92 4.87 3.42 -15.48
C TYR C 92 5.35 4.02 -16.80
N LEU C 93 5.57 5.31 -16.77
CA LEU C 93 6.13 6.09 -17.86
C LEU C 93 7.38 6.78 -17.31
N GLU C 94 8.47 6.80 -18.07
CA GLU C 94 9.66 7.50 -17.61
C GLU C 94 9.82 8.80 -18.36
N LEU C 95 9.83 9.91 -17.62
CA LEU C 95 10.14 11.22 -18.16
C LEU C 95 11.61 11.49 -17.90
N VAL C 96 12.34 11.80 -18.96
CA VAL C 96 13.77 12.08 -18.89
C VAL C 96 14.01 13.49 -19.37
N VAL C 97 14.84 14.24 -18.65
CA VAL C 97 15.15 15.62 -18.99
C VAL C 97 16.55 15.66 -19.58
N LYS C 98 16.73 16.44 -20.63
CA LYS C 98 18.02 16.51 -21.31
C LYS C 98 18.53 17.95 -21.37
N GLU D 5 -12.14 31.24 50.67
CA GLU D 5 -12.77 32.08 49.66
C GLU D 5 -12.00 32.06 48.35
N LEU D 6 -10.94 32.87 48.28
CA LEU D 6 -10.20 33.09 47.04
C LEU D 6 -9.03 32.13 46.86
N ALA D 7 -8.79 31.22 47.80
CA ALA D 7 -7.99 30.04 47.48
C ALA D 7 -8.56 29.36 46.24
N GLU D 8 -9.89 29.29 46.16
CA GLU D 8 -10.58 28.74 45.01
C GLU D 8 -10.19 29.48 43.74
N LYS D 9 -10.31 30.80 43.76
CA LYS D 9 -10.02 31.64 42.59
C LYS D 9 -8.57 31.51 42.14
N ALA D 10 -7.63 31.73 43.05
CA ALA D 10 -6.21 31.67 42.70
C ALA D 10 -5.81 30.27 42.23
N GLY D 11 -6.35 29.23 42.86
CA GLY D 11 -6.05 27.87 42.45
C GLY D 11 -6.59 27.57 41.07
N ALA D 12 -7.80 28.05 40.77
CA ALA D 12 -8.37 27.85 39.44
C ALA D 12 -7.55 28.55 38.37
N ALA D 13 -7.03 29.75 38.68
CA ALA D 13 -6.20 30.44 37.69
C ALA D 13 -4.89 29.71 37.44
N ALA D 14 -4.21 29.29 38.51
CA ALA D 14 -2.96 28.56 38.35
C ALA D 14 -3.18 27.23 37.64
N GLY D 15 -4.31 26.58 37.92
CA GLY D 15 -4.62 25.32 37.26
C GLY D 15 -4.92 25.48 35.79
N LEU D 16 -5.64 26.54 35.43
CA LEU D 16 -5.89 26.78 34.00
C LEU D 16 -4.59 27.06 33.26
N LYS D 17 -3.68 27.81 33.88
CA LYS D 17 -2.41 28.08 33.22
C LYS D 17 -1.60 26.78 33.03
N ALA D 18 -1.48 25.98 34.10
CA ALA D 18 -0.76 24.72 34.00
C ALA D 18 -1.39 23.78 32.98
N GLY D 19 -2.72 23.70 32.95
CA GLY D 19 -3.38 22.83 31.99
C GLY D 19 -3.23 23.31 30.57
N ASP D 20 -3.16 24.63 30.37
CA ASP D 20 -2.91 25.16 29.04
C ASP D 20 -1.54 24.73 28.55
N ILE D 21 -0.50 24.95 29.36
CA ILE D 21 0.84 24.57 28.91
C ILE D 21 0.95 23.06 28.69
N HIS D 22 0.27 22.25 29.51
CA HIS D 22 0.38 20.80 29.36
C HIS D 22 -0.31 20.33 28.08
N GLY D 23 -1.52 20.83 27.82
CA GLY D 23 -2.19 20.49 26.56
C GLY D 23 -1.39 20.97 25.38
N MET D 24 -0.63 22.05 25.55
CA MET D 24 0.23 22.51 24.46
C MET D 24 1.37 21.52 24.20
N LYS D 25 1.97 20.96 25.26
CA LYS D 25 3.10 20.05 25.03
C LYS D 25 2.64 18.81 24.30
N ILE D 26 1.59 18.18 24.82
CA ILE D 26 0.96 17.03 24.19
C ILE D 26 0.50 17.31 22.75
N VAL D 27 -0.09 18.47 22.45
CA VAL D 27 -0.49 18.61 21.06
C VAL D 27 0.70 18.99 20.15
N ILE D 28 1.78 19.54 20.72
CA ILE D 28 3.03 19.61 19.97
C ILE D 28 3.48 18.20 19.58
N GLU D 29 3.33 17.25 20.51
CA GLU D 29 3.61 15.85 20.18
C GLU D 29 2.76 15.40 18.99
N GLY D 30 1.47 15.73 19.04
CA GLY D 30 0.57 15.31 17.97
C GLY D 30 0.94 15.90 16.62
N LEU D 31 1.30 17.18 16.59
CA LEU D 31 1.58 17.81 15.31
C LEU D 31 2.97 17.49 14.75
N LYS D 32 3.97 17.32 15.61
CA LYS D 32 5.25 16.89 15.05
C LYS D 32 5.24 15.39 14.73
N ALA D 33 4.24 14.64 15.20
CA ALA D 33 3.98 13.35 14.60
C ALA D 33 3.47 13.51 13.16
N LEU D 34 2.70 14.57 12.88
CA LEU D 34 2.35 14.92 11.52
C LEU D 34 3.48 15.65 10.80
N LYS D 35 4.57 15.96 11.51
CA LYS D 35 5.69 16.73 10.98
C LYS D 35 5.24 18.10 10.46
N VAL D 36 4.24 18.69 11.12
CA VAL D 36 3.84 20.06 10.85
C VAL D 36 5.00 21.00 11.15
N ASP D 37 5.94 20.54 11.97
CA ASP D 37 7.23 21.17 12.22
C ASP D 37 7.90 21.69 10.94
N THR D 38 7.77 20.94 9.84
CA THR D 38 8.58 21.17 8.64
C THR D 38 7.96 22.14 7.63
N LEU D 39 6.67 22.45 7.70
CA LEU D 39 6.13 23.36 6.70
C LEU D 39 6.79 24.72 6.87
N LYS D 40 7.35 25.23 5.78
CA LYS D 40 8.18 26.43 5.78
C LYS D 40 7.34 27.71 5.71
N SER D 41 6.03 27.59 5.58
CA SER D 41 5.14 28.70 5.91
C SER D 41 5.38 29.19 7.33
N GLY D 42 5.67 28.27 8.24
CA GLY D 42 5.83 28.60 9.64
C GLY D 42 4.61 28.38 10.49
N ILE D 43 3.65 27.58 10.03
CA ILE D 43 2.40 27.41 10.77
C ILE D 43 2.68 26.85 12.16
N PHE D 44 3.60 25.90 12.27
CA PHE D 44 3.84 25.25 13.56
C PHE D 44 4.38 26.24 14.61
N ASN D 45 5.47 26.94 14.28
CA ASN D 45 6.06 27.86 15.24
C ASN D 45 5.13 29.04 15.52
N SER D 46 4.52 29.58 14.46
CA SER D 46 3.49 30.60 14.62
C SER D 46 2.43 30.14 15.60
N PHE D 47 2.05 28.87 15.51
CA PHE D 47 1.00 28.34 16.38
C PHE D 47 1.47 28.23 17.82
N VAL D 48 2.66 27.63 18.03
CA VAL D 48 3.13 27.41 19.40
C VAL D 48 3.36 28.73 20.11
N GLN D 49 3.75 29.79 19.39
CA GLN D 49 4.15 31.00 20.08
C GLN D 49 2.97 31.74 20.69
N ASN D 50 1.75 31.55 20.17
CA ASN D 50 0.64 32.34 20.71
C ASN D 50 -0.66 31.58 20.93
N SER D 51 -1.21 30.95 19.89
CA SER D 51 -2.55 30.38 19.97
C SER D 51 -2.71 29.35 21.09
N HIS D 52 -3.98 29.17 21.50
CA HIS D 52 -4.37 28.25 22.54
C HIS D 52 -4.49 26.83 21.99
N TYR D 53 -4.34 25.84 22.88
CA TYR D 53 -4.24 24.45 22.45
C TYR D 53 -5.49 24.00 21.68
N THR D 54 -6.69 24.39 22.11
CA THR D 54 -7.86 23.72 21.53
C THR D 54 -8.20 24.21 20.13
N GLU D 55 -7.47 25.20 19.62
CA GLU D 55 -7.54 25.60 18.22
C GLU D 55 -6.73 24.72 17.30
N VAL D 56 -6.29 23.55 17.76
CA VAL D 56 -5.42 22.72 16.93
C VAL D 56 -6.14 22.21 15.70
N THR D 57 -7.44 21.91 15.81
CA THR D 57 -8.15 21.50 14.60
C THR D 57 -8.20 22.66 13.63
N GLY D 58 -7.97 23.88 14.14
CA GLY D 58 -7.76 25.02 13.28
C GLY D 58 -6.68 24.83 12.24
N LEU D 59 -5.57 24.20 12.63
CA LEU D 59 -4.48 23.99 11.68
C LEU D 59 -4.93 23.21 10.44
N ALA D 60 -6.00 22.42 10.56
CA ALA D 60 -6.23 21.32 9.62
C ALA D 60 -6.17 21.75 8.17
N ILE D 61 -7.00 22.72 7.77
CA ILE D 61 -7.10 23.01 6.34
C ILE D 61 -5.80 23.59 5.84
N ALA D 62 -5.14 24.42 6.64
CA ALA D 62 -3.85 24.96 6.23
C ALA D 62 -2.87 23.82 6.01
N ILE D 63 -2.81 22.88 6.96
CA ILE D 63 -1.93 21.73 6.82
C ILE D 63 -2.24 21.01 5.53
N ASP D 64 -3.52 20.95 5.16
CA ASP D 64 -3.89 20.29 3.92
C ASP D 64 -3.38 21.08 2.71
N THR D 65 -3.72 22.37 2.64
CA THR D 65 -3.36 23.13 1.44
C THR D 65 -1.86 23.04 1.18
N GLU D 66 -1.05 23.40 2.17
CA GLU D 66 0.39 23.37 1.97
C GLU D 66 0.84 21.96 1.60
N MET D 67 0.31 20.95 2.29
CA MET D 67 0.74 19.58 1.99
C MET D 67 0.41 19.21 0.56
N ASN D 68 -0.72 19.72 0.05
CA ASN D 68 -1.08 19.41 -1.34
C ASN D 68 -0.19 20.15 -2.31
N GLU D 69 0.18 21.40 -2.01
CA GLU D 69 1.04 22.14 -2.92
C GLU D 69 2.45 21.58 -2.90
N VAL D 70 2.88 21.08 -1.74
CA VAL D 70 4.26 20.69 -1.53
C VAL D 70 4.52 19.20 -1.81
N CYS D 71 3.48 18.37 -1.83
CA CYS D 71 3.62 16.96 -2.14
C CYS D 71 3.02 16.61 -3.51
N SER D 72 2.74 17.61 -4.34
CA SER D 72 2.12 17.38 -5.63
C SER D 72 3.06 16.60 -6.54
N ALA D 73 2.48 15.99 -7.58
CA ALA D 73 3.30 15.26 -8.54
C ALA D 73 4.15 16.18 -9.40
N THR D 74 3.72 17.43 -9.55
CA THR D 74 4.44 18.44 -10.30
C THR D 74 5.54 19.12 -9.49
N TYR D 75 5.44 19.09 -8.16
CA TYR D 75 6.32 19.90 -7.31
C TYR D 75 7.78 19.56 -7.58
N ILE D 76 8.62 20.59 -7.55
CA ILE D 76 10.06 20.49 -7.81
C ILE D 76 10.79 20.37 -6.47
N GLY D 77 11.38 19.22 -6.22
CA GLY D 77 12.11 19.00 -4.99
C GLY D 77 11.34 18.13 -4.00
N ILE D 78 12.09 17.70 -2.98
CA ILE D 78 11.62 16.75 -1.97
C ILE D 78 11.25 17.51 -0.70
N HIS D 79 10.19 17.08 -0.03
CA HIS D 79 9.81 17.68 1.24
C HIS D 79 9.54 16.58 2.26
N PRO D 80 10.03 16.75 3.49
CA PRO D 80 9.93 15.66 4.48
C PRO D 80 8.50 15.28 4.86
N ILE D 81 7.55 16.22 4.87
CA ILE D 81 6.22 15.91 5.40
C ILE D 81 5.49 14.90 4.52
N CYS D 82 5.88 14.78 3.26
CA CYS D 82 5.12 14.01 2.30
C CYS D 82 4.94 12.56 2.71
N VAL D 83 5.81 12.02 3.56
CA VAL D 83 5.67 10.61 3.93
C VAL D 83 4.54 10.34 4.92
N VAL D 84 4.07 11.36 5.67
CA VAL D 84 3.06 11.03 6.69
C VAL D 84 1.71 10.65 6.09
N ARG D 85 1.43 11.00 4.82
CA ARG D 85 0.18 10.51 4.24
C ARG D 85 0.16 9.00 4.18
N GLU D 86 1.35 8.37 4.14
CA GLU D 86 1.39 6.91 4.17
C GLU D 86 0.71 6.38 5.43
N LYS D 87 0.87 7.07 6.56
CA LYS D 87 0.15 6.70 7.76
C LYS D 87 -1.30 7.18 7.76
N LEU D 88 -1.61 8.20 6.94
CA LEU D 88 -2.95 8.76 6.90
C LEU D 88 -3.95 7.88 6.17
N GLY D 89 -3.50 6.82 5.51
CA GLY D 89 -4.41 6.00 4.74
C GLY D 89 -4.81 6.60 3.42
N VAL D 90 -4.19 7.72 3.05
CA VAL D 90 -4.56 8.48 1.87
C VAL D 90 -4.06 7.86 0.56
N ILE D 91 -3.15 6.89 0.61
CA ILE D 91 -2.72 6.21 -0.62
C ILE D 91 -3.60 4.99 -0.80
N PRO D 92 -4.13 4.75 -2.00
CA PRO D 92 -5.20 3.75 -2.13
C PRO D 92 -4.75 2.40 -2.65
N LYS D 93 -5.25 1.35 -2.01
CA LYS D 93 -5.24 0.02 -2.58
C LYS D 93 -6.32 -0.05 -3.66
N ALA D 94 -6.09 -0.86 -4.69
CA ALA D 94 -7.09 -0.99 -5.74
C ALA D 94 -8.40 -1.51 -5.16
N GLY D 95 -9.50 -0.89 -5.59
CA GLY D 95 -10.81 -1.28 -5.12
C GLY D 95 -11.25 -0.64 -3.83
N GLY D 96 -10.37 0.11 -3.16
CA GLY D 96 -10.78 0.77 -1.94
C GLY D 96 -11.51 2.07 -2.18
N THR D 97 -12.27 2.48 -1.17
CA THR D 97 -12.91 3.79 -1.21
C THR D 97 -11.86 4.88 -1.14
N MET D 98 -12.22 6.06 -1.63
CA MET D 98 -11.34 7.20 -1.42
C MET D 98 -11.49 7.71 0.00
N VAL D 99 -10.39 8.22 0.53
CA VAL D 99 -10.37 8.84 1.85
C VAL D 99 -9.69 10.19 1.70
N LYS D 100 -10.46 11.25 1.97
CA LYS D 100 -10.01 12.61 1.73
C LYS D 100 -9.02 13.07 2.80
N GLN D 101 -8.01 13.81 2.34
CA GLN D 101 -6.84 14.12 3.17
C GLN D 101 -7.20 14.99 4.36
N LYS D 102 -8.09 15.97 4.14
CA LYS D 102 -8.49 16.85 5.23
C LYS D 102 -9.20 16.07 6.33
N ASP D 103 -9.97 15.04 5.98
CA ASP D 103 -10.65 14.26 7.01
C ASP D 103 -9.67 13.47 7.87
N ALA D 104 -8.65 12.89 7.24
CA ALA D 104 -7.64 12.15 8.00
C ALA D 104 -6.86 13.10 8.91
N ILE D 105 -6.53 14.30 8.42
CA ILE D 105 -5.82 15.27 9.23
C ILE D 105 -6.67 15.74 10.40
N THR D 106 -7.96 16.00 10.14
CA THR D 106 -8.85 16.47 11.20
C THR D 106 -9.01 15.39 12.27
N ASN D 107 -9.08 14.12 11.89
CA ASN D 107 -9.21 13.10 12.93
C ASN D 107 -7.89 12.88 13.67
N VAL D 108 -6.77 13.05 13.00
CA VAL D 108 -5.49 13.06 13.70
C VAL D 108 -5.52 14.12 14.80
N LEU D 109 -5.82 15.37 14.43
CA LEU D 109 -5.71 16.44 15.41
C LEU D 109 -6.91 16.48 16.34
N LYS D 110 -7.99 15.78 15.99
CA LYS D 110 -9.09 15.65 16.93
C LYS D 110 -8.76 14.67 18.04
N GLN D 111 -8.25 13.47 17.73
CA GLN D 111 -7.83 12.60 18.82
C GLN D 111 -6.73 13.27 19.64
N ALA D 112 -5.84 14.01 18.97
CA ALA D 112 -4.83 14.77 19.71
C ALA D 112 -5.47 15.77 20.69
N LEU D 113 -6.56 16.41 20.28
CA LEU D 113 -7.21 17.43 21.09
C LEU D 113 -8.06 16.80 22.18
N GLU D 114 -8.52 15.57 21.93
CA GLU D 114 -9.32 14.72 22.80
C GLU D 114 -8.51 14.41 24.04
N LYS D 115 -7.36 13.79 23.76
CA LYS D 115 -6.22 13.68 24.66
C LYS D 115 -5.94 14.99 25.39
N ALA D 116 -5.87 16.09 24.64
CA ALA D 116 -5.48 17.35 25.26
C ALA D 116 -6.51 17.80 26.29
N THR D 117 -7.80 17.63 25.99
CA THR D 117 -8.84 18.00 26.93
C THR D 117 -8.75 17.17 28.19
N GLN D 118 -8.56 15.85 28.08
CA GLN D 118 -8.61 15.11 29.32
C GLN D 118 -7.33 15.21 30.14
N SER D 119 -6.19 15.49 29.51
CA SER D 119 -4.99 15.70 30.31
C SER D 119 -4.99 17.07 30.99
N ALA D 120 -5.40 18.11 30.25
CA ALA D 120 -5.37 19.43 30.85
C ALA D 120 -6.45 19.58 31.90
N GLU D 121 -7.59 18.90 31.74
CA GLU D 121 -8.65 19.04 32.73
C GLU D 121 -8.36 18.23 33.98
N ALA D 122 -7.79 17.03 33.82
CA ALA D 122 -7.46 16.26 35.01
C ALA D 122 -6.39 16.95 35.84
N LEU D 123 -5.30 17.41 35.20
CA LEU D 123 -4.34 18.06 36.10
C LEU D 123 -4.69 19.53 36.37
N SER D 124 -5.67 20.11 35.66
CA SER D 124 -6.20 21.38 36.13
C SER D 124 -6.88 21.22 37.47
N GLU D 125 -7.64 20.13 37.65
CA GLU D 125 -8.28 20.04 38.96
C GLU D 125 -7.26 19.63 40.00
N THR D 126 -6.31 18.74 39.66
CA THR D 126 -5.28 18.39 40.64
C THR D 126 -4.51 19.63 41.11
N THR D 127 -4.06 20.46 40.17
CA THR D 127 -3.32 21.67 40.52
C THR D 127 -4.18 22.62 41.37
N ALA D 128 -5.42 22.86 40.95
CA ALA D 128 -6.26 23.78 41.68
C ALA D 128 -6.60 23.27 43.07
N GLU D 129 -6.80 21.95 43.22
CA GLU D 129 -7.04 21.37 44.52
C GLU D 129 -5.83 21.51 45.44
N ASP D 130 -4.63 21.24 44.91
CA ASP D 130 -3.43 21.37 45.73
C ASP D 130 -3.22 22.81 46.16
N VAL D 131 -3.34 23.76 45.23
CA VAL D 131 -3.13 25.17 45.57
C VAL D 131 -4.18 25.64 46.57
N ALA D 132 -5.46 25.28 46.35
CA ALA D 132 -6.53 25.73 47.23
C ALA D 132 -6.40 25.13 48.62
N ALA D 133 -5.99 23.85 48.71
CA ALA D 133 -5.84 23.22 50.01
C ALA D 133 -4.59 23.71 50.73
N LYS D 134 -3.58 24.16 49.98
CA LYS D 134 -2.41 24.75 50.63
C LYS D 134 -2.68 26.16 51.11
N LEU D 135 -3.51 26.92 50.39
CA LEU D 135 -3.86 28.27 50.83
C LEU D 135 -4.88 28.27 51.95
N THR D 136 -5.55 27.16 52.21
CA THR D 136 -6.50 27.07 53.33
C THR D 136 -5.84 26.45 54.55
PT PT E . 8.58 -14.57 7.44
PT PT F . -13.72 11.77 -3.09
#